data_6TWA
#
_entry.id   6TWA
#
_cell.length_a   53.938
_cell.length_b   95.641
_cell.length_c   233.642
_cell.angle_alpha   90.000
_cell.angle_beta   90.000
_cell.angle_gamma   90.000
#
_symmetry.space_group_name_H-M   'C 2 2 21'
#
loop_
_entity.id
_entity.type
_entity.pdbx_description
1 polymer "5'-nucleotidase"
2 non-polymer 'ZINC ION'
3 non-polymer '[[(2~{R},3~{S},4~{R},5~{R})-5-(6-azanyl-2-diazanyl-purin-9-yl)-3,4-bis(oxidanyl)oxolan-2-yl]methoxy-oxidanyl-phosphoryl]methylphosphonic acid'
4 non-polymer 'CALCIUM ION'
5 water water
#
_entity_poly.entity_id   1
_entity_poly.type   'polypeptide(L)'
_entity_poly.pdbx_seq_one_letter_code
;MWELTILHTNDVHSRLEQTSEDSSKCVDASRCMGGVARLFTKVQQIRRAEPNVLLLDAGDQYQGTIWFTVYKGAEVAHFM
NALRYDAMALGNHEFDNGVEGLIEPLLKEAKFPILSANIKAKGPLASQISGLYLPYKVLPVGDEVVGIVGYTSKETPFLS
NPGTNLVFEDEITALQPEVDKLKTLNVNKIIALGHSGFEMDKLIAQKVRGVDVVVGGHSNTFLYTGNPPSKEVPAGKYPF
IVTSDDGRKVPVVQAYAFGKYLGYLKIEFDERGNVISSHGNPILLDSSIPEDPSIKADINKWRIKLDDYSTQELGKTIVY
LDGSSQSCRFRECNMGNLICDAMINNNLRHADEMFWNHVSMCILNGGGIRSPIDERNDGTITWENLAAVLPFGGTFDLVQ
LKGSTLKKAFEHSVHRYGQSTGEFLQVGGIHVVYDLSRKPGDRVVKLDVLCTKCRVPSYDPLKMDEVYKVILPNFLANGG
DGFQMIKDELLRHDSGDQDINVVSTYISKMKVIYPAVEGRIKFSLEHHHHHH
;
_entity_poly.pdbx_strand_id   A
#
loop_
_chem_comp.id
_chem_comp.type
_chem_comp.name
_chem_comp.formula
CA non-polymer 'CALCIUM ION' 'Ca 2'
O02 non-polymer '[[(2~{R},3~{S},4~{R},5~{R})-5-(6-azanyl-2-diazanyl-purin-9-yl)-3,4-bis(oxidanyl)oxolan-2-yl]methoxy-oxidanyl-phosphoryl]methylphosphonic acid' 'C11 H19 N7 O9 P2'
ZN non-polymer 'ZINC ION' 'Zn 2'
#
# COMPACT_ATOMS: atom_id res chain seq x y z
N MET A 1 15.39 -32.99 13.87
CA MET A 1 14.53 -31.99 13.20
C MET A 1 15.21 -30.61 13.18
N TRP A 2 14.83 -29.77 12.22
CA TRP A 2 15.43 -28.47 12.04
C TRP A 2 14.38 -27.37 12.09
N GLU A 3 14.55 -26.40 13.00
CA GLU A 3 13.62 -25.29 13.18
C GLU A 3 14.13 -24.00 12.51
N LEU A 4 13.27 -23.32 11.75
CA LEU A 4 13.57 -22.04 11.11
C LEU A 4 12.62 -20.99 11.65
N THR A 5 13.12 -19.79 11.97
CA THR A 5 12.29 -18.67 12.41
C THR A 5 12.29 -17.64 11.29
N ILE A 6 11.13 -17.40 10.66
CA ILE A 6 11.03 -16.42 9.60
C ILE A 6 10.49 -15.15 10.26
N LEU A 7 11.17 -14.02 10.06
CA LEU A 7 10.73 -12.70 10.53
C LEU A 7 10.45 -11.92 9.28
N HIS A 8 9.24 -11.35 9.17
CA HIS A 8 8.86 -10.69 7.94
C HIS A 8 8.10 -9.37 8.11
N THR A 9 8.42 -8.43 7.20
CA THR A 9 7.77 -7.14 7.09
C THR A 9 7.18 -7.07 5.66
N ASN A 10 6.26 -6.13 5.45
CA ASN A 10 5.68 -5.87 4.14
C ASN A 10 4.95 -4.52 4.17
N ASP A 11 4.88 -3.84 3.03
CA ASP A 11 4.13 -2.59 2.90
C ASP A 11 4.50 -1.59 4.00
N VAL A 12 5.81 -1.45 4.27
CA VAL A 12 6.33 -0.56 5.30
C VAL A 12 6.13 0.88 4.86
N HIS A 13 6.18 1.12 3.55
CA HIS A 13 5.84 2.42 2.95
C HIS A 13 6.44 3.63 3.66
N SER A 14 7.79 3.61 3.76
CA SER A 14 8.60 4.69 4.30
C SER A 14 8.33 5.06 5.76
N ARG A 15 7.78 4.14 6.60
CA ARG A 15 7.60 4.43 8.02
C ARG A 15 8.88 4.10 8.76
N LEU A 16 9.92 4.91 8.52
CA LEU A 16 11.25 4.71 9.12
C LEU A 16 11.24 5.14 10.57
N GLU A 17 10.52 6.23 10.90
CA GLU A 17 10.37 6.67 12.28
C GLU A 17 9.15 6.00 12.88
N GLN A 18 9.08 5.94 14.22
CA GLN A 18 7.94 5.38 14.92
C GLN A 18 6.72 6.24 14.64
N THR A 19 5.54 5.65 14.68
CA THR A 19 4.28 6.33 14.29
C THR A 19 3.18 6.14 15.31
N SER A 20 2.04 6.77 15.05
CA SER A 20 0.84 6.65 15.89
CA SER A 20 0.86 6.63 15.91
C SER A 20 0.21 5.26 15.66
N GLU A 21 -0.83 4.92 16.41
CA GLU A 21 -1.55 3.66 16.25
C GLU A 21 -2.15 3.56 14.81
N ASP A 22 -2.55 4.73 14.20
CA ASP A 22 -3.11 4.79 12.83
C ASP A 22 -2.01 4.90 11.77
N SER A 23 -0.72 4.79 12.17
CA SER A 23 0.47 4.83 11.32
C SER A 23 0.78 6.23 10.73
N SER A 24 0.16 7.31 11.25
CA SER A 24 0.46 8.69 10.87
C SER A 24 1.55 9.20 11.83
N LYS A 25 2.03 10.44 11.63
CA LYS A 25 3.11 11.02 12.41
C LYS A 25 2.97 10.83 13.93
N CYS A 26 4.09 10.48 14.58
CA CYS A 26 4.13 10.26 16.02
C CYS A 26 4.05 11.61 16.74
N VAL A 27 3.09 11.76 17.66
CA VAL A 27 2.91 12.98 18.46
C VAL A 27 3.19 12.60 19.93
N ASP A 28 2.33 11.75 20.53
CA ASP A 28 2.48 11.25 21.90
C ASP A 28 3.48 10.07 21.86
N ALA A 29 4.78 10.36 22.10
CA ALA A 29 5.85 9.36 22.07
C ALA A 29 5.62 8.14 22.97
N SER A 30 4.95 8.32 24.13
CA SER A 30 4.70 7.22 25.07
C SER A 30 3.79 6.10 24.53
N ARG A 31 2.96 6.38 23.52
CA ARG A 31 2.07 5.38 22.91
C ARG A 31 2.39 5.14 21.43
N CYS A 32 3.59 5.56 20.96
CA CYS A 32 3.96 5.36 19.56
C CYS A 32 4.43 3.93 19.29
N MET A 33 4.42 3.54 18.01
CA MET A 33 4.66 2.17 17.55
C MET A 33 5.53 2.12 16.32
N GLY A 34 6.03 0.92 16.01
CA GLY A 34 6.82 0.64 14.82
C GLY A 34 8.08 1.46 14.69
N GLY A 35 8.48 1.73 13.44
CA GLY A 35 9.72 2.42 13.13
C GLY A 35 10.88 1.44 13.15
N VAL A 36 11.91 1.66 12.32
CA VAL A 36 13.03 0.72 12.18
C VAL A 36 13.94 0.54 13.44
N ALA A 37 14.03 1.54 14.35
CA ALA A 37 14.86 1.39 15.56
C ALA A 37 14.22 0.35 16.50
N ARG A 38 12.88 0.40 16.65
CA ARG A 38 12.14 -0.53 17.50
C ARG A 38 12.19 -1.94 16.88
N LEU A 39 11.99 -2.02 15.54
CA LEU A 39 12.09 -3.28 14.80
C LEU A 39 13.48 -3.90 15.00
N PHE A 40 14.54 -3.08 14.87
CA PHE A 40 15.90 -3.58 15.06
C PHE A 40 16.02 -4.26 16.43
N THR A 41 15.52 -3.62 17.51
CA THR A 41 15.59 -4.20 18.87
C THR A 41 14.93 -5.58 18.94
N LYS A 42 13.71 -5.74 18.40
CA LYS A 42 12.96 -7.00 18.46
C LYS A 42 13.62 -8.08 17.63
N VAL A 43 14.13 -7.72 16.44
CA VAL A 43 14.85 -8.66 15.58
C VAL A 43 16.09 -9.17 16.33
N GLN A 44 16.81 -8.27 17.00
CA GLN A 44 18.01 -8.63 17.75
C GLN A 44 17.72 -9.61 18.90
N GLN A 45 16.63 -9.37 19.63
CA GLN A 45 16.18 -10.24 20.70
C GLN A 45 15.89 -11.66 20.18
N ILE A 46 15.35 -11.77 18.96
CA ILE A 46 15.04 -13.07 18.36
C ILE A 46 16.31 -13.76 17.86
N ARG A 47 17.21 -13.02 17.17
CA ARG A 47 18.51 -13.55 16.70
C ARG A 47 19.41 -14.06 17.86
N ARG A 48 19.29 -13.47 19.05
CA ARG A 48 20.00 -13.93 20.26
C ARG A 48 19.42 -15.26 20.74
N ALA A 49 18.09 -15.41 20.62
CA ALA A 49 17.36 -16.54 21.14
C ALA A 49 17.33 -17.73 20.23
N GLU A 50 17.14 -17.51 18.93
CA GLU A 50 16.94 -18.57 17.92
C GLU A 50 18.16 -18.71 17.01
N PRO A 51 18.71 -19.92 16.79
CA PRO A 51 19.91 -20.01 15.92
C PRO A 51 19.64 -19.89 14.41
N ASN A 52 18.46 -20.29 13.89
CA ASN A 52 18.10 -20.24 12.46
C ASN A 52 17.01 -19.19 12.20
N VAL A 53 17.44 -17.96 11.85
CA VAL A 53 16.55 -16.83 11.63
C VAL A 53 16.73 -16.26 10.25
N LEU A 54 15.61 -15.92 9.55
CA LEU A 54 15.67 -15.17 8.32
C LEU A 54 14.77 -13.96 8.51
N LEU A 55 15.26 -12.77 8.12
CA LEU A 55 14.52 -11.52 8.13
C LEU A 55 14.22 -11.18 6.66
N LEU A 56 12.93 -11.24 6.28
CA LEU A 56 12.45 -11.04 4.92
C LEU A 56 11.57 -9.85 4.79
N ASP A 57 11.52 -9.25 3.59
CA ASP A 57 10.62 -8.13 3.30
C ASP A 57 9.79 -8.51 2.04
N ALA A 58 8.44 -8.43 2.07
CA ALA A 58 7.65 -8.80 0.88
C ALA A 58 7.22 -7.59 0.03
N GLY A 59 8.06 -6.54 -0.07
CA GLY A 59 7.84 -5.39 -0.93
C GLY A 59 7.09 -4.19 -0.34
N ASP A 60 7.08 -3.12 -1.12
CA ASP A 60 6.46 -1.84 -0.83
C ASP A 60 7.06 -1.13 0.37
N GLN A 61 8.40 -1.07 0.36
CA GLN A 61 9.19 -0.28 1.29
C GLN A 61 9.09 1.19 0.75
N TYR A 62 9.13 1.32 -0.59
CA TYR A 62 9.00 2.60 -1.31
C TYR A 62 7.61 3.24 -1.12
N GLN A 63 7.59 4.58 -1.14
CA GLN A 63 6.43 5.46 -1.10
C GLN A 63 5.63 5.48 0.20
N GLY A 64 5.43 6.68 0.78
CA GLY A 64 4.60 6.81 1.97
C GLY A 64 4.80 8.02 2.87
N THR A 65 6.04 8.54 2.97
CA THR A 65 6.32 9.69 3.83
C THR A 65 7.41 10.56 3.19
N ILE A 66 7.68 11.72 3.82
CA ILE A 66 8.71 12.67 3.40
C ILE A 66 10.10 11.99 3.28
N TRP A 67 10.36 10.86 4.01
CA TRP A 67 11.60 10.10 3.90
C TRP A 67 11.86 9.70 2.45
N PHE A 68 10.82 9.16 1.79
CA PHE A 68 10.92 8.72 0.40
C PHE A 68 10.89 9.88 -0.57
N THR A 69 10.14 10.94 -0.24
CA THR A 69 10.07 12.14 -1.09
C THR A 69 11.46 12.75 -1.28
N VAL A 70 12.22 12.83 -0.18
CA VAL A 70 13.54 13.43 -0.11
C VAL A 70 14.66 12.47 -0.48
N TYR A 71 14.73 11.29 0.16
CA TYR A 71 15.84 10.34 -0.07
C TYR A 71 15.60 9.36 -1.24
N LYS A 72 14.36 9.25 -1.77
CA LYS A 72 14.03 8.46 -2.96
C LYS A 72 14.53 7.00 -2.98
N GLY A 73 14.54 6.32 -1.82
CA GLY A 73 14.97 4.92 -1.73
C GLY A 73 16.31 4.69 -1.08
N ALA A 74 17.14 5.74 -0.88
CA ALA A 74 18.46 5.60 -0.26
C ALA A 74 18.33 5.30 1.24
N GLU A 75 17.23 5.78 1.86
CA GLU A 75 16.94 5.51 3.26
C GLU A 75 16.53 4.02 3.43
N VAL A 76 15.89 3.43 2.39
CA VAL A 76 15.46 2.04 2.39
C VAL A 76 16.71 1.15 2.33
N ALA A 77 17.61 1.40 1.37
CA ALA A 77 18.85 0.61 1.26
C ALA A 77 19.68 0.76 2.54
N HIS A 78 19.82 2.00 3.04
CA HIS A 78 20.59 2.27 4.25
C HIS A 78 20.04 1.59 5.50
N PHE A 79 18.74 1.76 5.79
CA PHE A 79 18.17 1.21 7.01
C PHE A 79 17.85 -0.31 6.87
N MET A 80 17.59 -0.86 5.65
CA MET A 80 17.43 -2.33 5.48
C MET A 80 18.79 -3.04 5.59
N ASN A 81 19.89 -2.37 5.18
CA ASN A 81 21.23 -2.90 5.34
C ASN A 81 21.56 -2.90 6.82
N ALA A 82 21.32 -1.78 7.53
CA ALA A 82 21.56 -1.68 8.98
C ALA A 82 20.77 -2.73 9.81
N LEU A 83 19.56 -3.11 9.37
CA LEU A 83 18.73 -4.10 10.06
C LEU A 83 19.13 -5.51 9.70
N ARG A 84 19.85 -5.69 8.59
CA ARG A 84 20.42 -6.96 8.14
C ARG A 84 19.34 -7.90 7.61
N TYR A 85 18.56 -7.37 6.66
CA TYR A 85 17.54 -8.17 5.98
C TYR A 85 18.28 -9.19 5.19
N ASP A 86 17.73 -10.41 5.14
CA ASP A 86 18.33 -11.52 4.41
C ASP A 86 17.88 -11.53 2.96
N ALA A 87 16.68 -11.00 2.69
CA ALA A 87 16.15 -10.96 1.34
C ALA A 87 14.94 -10.05 1.28
N MET A 88 14.66 -9.55 0.09
CA MET A 88 13.52 -8.69 -0.15
C MET A 88 12.91 -9.07 -1.49
N ALA A 89 11.56 -9.06 -1.60
CA ALA A 89 10.88 -9.27 -2.87
C ALA A 89 10.46 -7.89 -3.38
N LEU A 90 10.48 -7.64 -4.72
CA LEU A 90 10.09 -6.35 -5.28
C LEU A 90 8.59 -6.19 -5.24
N GLY A 91 8.14 -5.01 -4.84
CA GLY A 91 6.72 -4.67 -4.81
C GLY A 91 6.40 -3.73 -5.94
N ASN A 92 5.14 -3.36 -6.06
CA ASN A 92 4.73 -2.44 -7.14
C ASN A 92 5.23 -1.04 -6.90
N HIS A 93 5.21 -0.54 -5.64
CA HIS A 93 5.71 0.80 -5.35
C HIS A 93 7.23 0.95 -5.52
N GLU A 94 7.99 -0.15 -5.62
CA GLU A 94 9.42 -0.08 -5.93
C GLU A 94 9.70 0.52 -7.34
N PHE A 95 8.67 0.59 -8.23
CA PHE A 95 8.80 1.14 -9.59
C PHE A 95 8.17 2.53 -9.72
N ASP A 96 7.74 3.16 -8.61
CA ASP A 96 7.06 4.45 -8.67
C ASP A 96 7.91 5.56 -9.29
N ASN A 97 9.24 5.51 -9.09
CA ASN A 97 10.15 6.48 -9.69
C ASN A 97 10.86 5.84 -10.91
N GLY A 98 10.13 5.01 -11.68
CA GLY A 98 10.70 4.30 -12.82
C GLY A 98 11.70 3.21 -12.43
N VAL A 99 12.37 2.63 -13.45
CA VAL A 99 13.40 1.61 -13.28
C VAL A 99 14.68 2.22 -12.73
N GLU A 100 15.02 3.47 -13.13
CA GLU A 100 16.22 4.12 -12.60
C GLU A 100 16.09 4.49 -11.12
N GLY A 101 14.87 4.83 -10.69
CA GLY A 101 14.56 5.10 -9.29
C GLY A 101 14.68 3.88 -8.41
N LEU A 102 14.62 2.68 -9.00
CA LEU A 102 14.78 1.39 -8.32
C LEU A 102 16.26 0.96 -8.41
N ILE A 103 16.83 0.98 -9.64
CA ILE A 103 18.21 0.57 -9.90
C ILE A 103 19.22 1.30 -9.04
N GLU A 104 19.30 2.62 -9.19
CA GLU A 104 20.35 3.40 -8.54
C GLU A 104 20.29 3.45 -6.99
N PRO A 105 19.23 3.93 -6.33
CA PRO A 105 19.26 3.98 -4.86
C PRO A 105 19.13 2.64 -4.15
N LEU A 106 18.37 1.65 -4.70
CA LEU A 106 18.16 0.39 -3.99
C LEU A 106 18.89 -0.83 -4.57
N LEU A 107 18.66 -1.22 -5.83
CA LEU A 107 19.29 -2.42 -6.38
C LEU A 107 20.82 -2.42 -6.30
N LYS A 108 21.44 -1.28 -6.62
CA LYS A 108 22.90 -1.16 -6.59
C LYS A 108 23.47 -0.96 -5.16
N GLU A 109 22.63 -0.63 -4.14
CA GLU A 109 23.12 -0.37 -2.77
C GLU A 109 22.77 -1.43 -1.73
N ALA A 110 21.75 -2.27 -1.98
CA ALA A 110 21.34 -3.31 -1.03
C ALA A 110 22.44 -4.34 -0.88
N LYS A 111 22.73 -4.75 0.38
CA LYS A 111 23.74 -5.77 0.66
C LYS A 111 23.04 -7.12 0.86
N PHE A 112 21.80 -7.26 0.37
CA PHE A 112 21.00 -8.49 0.47
C PHE A 112 20.35 -8.75 -0.89
N PRO A 113 20.07 -10.02 -1.26
CA PRO A 113 19.42 -10.28 -2.55
C PRO A 113 18.01 -9.68 -2.68
N ILE A 114 17.70 -9.07 -3.84
CA ILE A 114 16.36 -8.49 -4.11
C ILE A 114 15.77 -9.39 -5.18
N LEU A 115 14.53 -9.90 -4.99
CA LEU A 115 13.96 -10.97 -5.81
C LEU A 115 12.66 -10.78 -6.53
N SER A 116 12.54 -11.42 -7.71
CA SER A 116 11.30 -11.48 -8.50
C SER A 116 11.48 -12.43 -9.70
N ALA A 117 10.82 -13.60 -9.69
CA ALA A 117 10.93 -14.60 -10.77
C ALA A 117 10.07 -14.26 -11.98
N ASN A 118 8.97 -13.52 -11.79
CA ASN A 118 8.05 -13.22 -12.87
C ASN A 118 8.30 -11.85 -13.58
N ILE A 119 9.42 -11.15 -13.29
CA ILE A 119 9.75 -9.90 -13.98
C ILE A 119 10.81 -10.24 -15.02
N LYS A 120 10.52 -10.04 -16.32
CA LYS A 120 11.46 -10.30 -17.42
C LYS A 120 11.77 -8.97 -18.09
N ALA A 121 13.06 -8.61 -18.20
CA ALA A 121 13.46 -7.35 -18.84
C ALA A 121 13.72 -7.62 -20.32
N LYS A 122 13.44 -6.64 -21.18
CA LYS A 122 13.61 -6.76 -22.63
C LYS A 122 14.18 -5.48 -23.26
N GLY A 123 14.79 -5.61 -24.43
CA GLY A 123 15.37 -4.48 -25.14
C GLY A 123 16.68 -4.00 -24.53
N PRO A 124 16.95 -2.68 -24.48
CA PRO A 124 18.22 -2.20 -23.90
C PRO A 124 18.30 -2.36 -22.39
N LEU A 125 17.17 -2.13 -21.68
CA LEU A 125 17.10 -2.29 -20.22
C LEU A 125 17.60 -3.66 -19.74
N ALA A 126 17.28 -4.73 -20.48
CA ALA A 126 17.67 -6.09 -20.11
C ALA A 126 19.15 -6.29 -19.78
N SER A 127 20.04 -5.54 -20.46
CA SER A 127 21.49 -5.64 -20.24
C SER A 127 21.94 -4.92 -18.97
N GLN A 128 21.42 -3.70 -18.75
CA GLN A 128 21.78 -2.89 -17.57
C GLN A 128 21.32 -3.56 -16.26
N ILE A 129 20.05 -4.00 -16.22
CA ILE A 129 19.45 -4.62 -15.00
C ILE A 129 19.83 -6.11 -14.77
N SER A 130 20.59 -6.77 -15.67
CA SER A 130 20.96 -8.17 -15.45
C SER A 130 21.76 -8.32 -14.16
N GLY A 131 21.35 -9.26 -13.30
CA GLY A 131 22.00 -9.54 -12.03
C GLY A 131 21.69 -8.62 -10.87
N LEU A 132 20.97 -7.49 -11.11
CA LEU A 132 20.64 -6.52 -10.07
C LEU A 132 19.50 -7.01 -9.19
N TYR A 133 18.57 -7.79 -9.76
CA TYR A 133 17.55 -8.52 -9.00
C TYR A 133 17.65 -9.98 -9.48
N LEU A 134 17.19 -10.93 -8.66
CA LEU A 134 17.34 -12.34 -9.02
C LEU A 134 16.00 -13.09 -9.00
N PRO A 135 15.85 -14.18 -9.77
CA PRO A 135 14.58 -14.93 -9.68
C PRO A 135 14.44 -15.62 -8.31
N TYR A 136 15.58 -16.06 -7.74
CA TYR A 136 15.63 -16.69 -6.43
C TYR A 136 17.02 -16.53 -5.86
N LYS A 137 17.17 -16.88 -4.57
CA LYS A 137 18.49 -16.99 -3.92
C LYS A 137 18.47 -18.23 -3.02
N VAL A 138 19.61 -18.94 -2.90
CA VAL A 138 19.74 -20.07 -1.98
C VAL A 138 20.58 -19.51 -0.85
N LEU A 139 20.02 -19.45 0.36
CA LEU A 139 20.70 -18.85 1.50
C LEU A 139 21.19 -19.87 2.48
N PRO A 140 22.49 -19.85 2.93
CA PRO A 140 22.93 -20.76 4.00
C PRO A 140 22.34 -20.28 5.34
N VAL A 141 21.73 -21.19 6.11
CA VAL A 141 21.14 -20.85 7.42
C VAL A 141 21.66 -21.95 8.32
N GLY A 142 22.64 -21.62 9.16
CA GLY A 142 23.29 -22.63 9.99
C GLY A 142 23.97 -23.68 9.11
N ASP A 143 23.67 -24.98 9.36
CA ASP A 143 24.20 -26.10 8.58
C ASP A 143 23.30 -26.50 7.39
N GLU A 144 22.17 -25.80 7.19
CA GLU A 144 21.22 -26.06 6.13
C GLU A 144 21.23 -24.94 5.08
N VAL A 145 20.39 -25.12 4.07
CA VAL A 145 20.28 -24.21 2.94
C VAL A 145 18.77 -23.96 2.71
N VAL A 146 18.34 -22.68 2.51
CA VAL A 146 16.93 -22.37 2.29
C VAL A 146 16.84 -21.58 0.96
N GLY A 147 15.99 -22.04 0.05
CA GLY A 147 15.73 -21.38 -1.22
C GLY A 147 14.63 -20.34 -1.03
N ILE A 148 14.80 -19.13 -1.55
CA ILE A 148 13.77 -18.08 -1.49
C ILE A 148 13.54 -17.68 -2.94
N VAL A 149 12.29 -17.71 -3.38
CA VAL A 149 11.93 -17.36 -4.77
C VAL A 149 10.95 -16.19 -4.72
N GLY A 150 11.25 -15.12 -5.46
CA GLY A 150 10.44 -13.90 -5.49
C GLY A 150 9.33 -13.82 -6.51
N TYR A 151 8.34 -12.94 -6.28
CA TYR A 151 7.24 -12.69 -7.24
C TYR A 151 6.64 -11.33 -6.97
N THR A 152 6.20 -10.65 -8.02
CA THR A 152 5.68 -9.29 -7.99
C THR A 152 4.34 -9.23 -8.74
N SER A 153 3.38 -8.46 -8.21
CA SER A 153 2.04 -8.30 -8.79
C SER A 153 2.08 -8.07 -10.29
N LYS A 154 1.22 -8.81 -11.01
CA LYS A 154 1.06 -8.69 -12.45
C LYS A 154 0.39 -7.32 -12.76
N GLU A 155 -0.23 -6.67 -11.75
CA GLU A 155 -0.87 -5.35 -11.88
C GLU A 155 0.11 -4.14 -11.77
N THR A 156 1.43 -4.38 -11.56
CA THR A 156 2.44 -3.30 -11.40
C THR A 156 2.41 -2.31 -12.57
N PRO A 157 2.23 -2.76 -13.85
CA PRO A 157 2.13 -1.79 -14.96
C PRO A 157 0.90 -0.86 -14.88
N PHE A 158 -0.18 -1.32 -14.23
CA PHE A 158 -1.41 -0.54 -14.07
C PHE A 158 -1.44 0.31 -12.80
N LEU A 159 -0.54 0.02 -11.84
CA LEU A 159 -0.42 0.72 -10.57
C LEU A 159 0.79 1.64 -10.46
N SER A 160 1.90 1.26 -11.08
CA SER A 160 3.17 1.97 -10.96
C SER A 160 3.69 2.38 -12.34
N ASN A 161 5.02 2.66 -12.45
CA ASN A 161 5.66 3.10 -13.68
C ASN A 161 6.87 2.23 -14.03
N PRO A 162 6.67 0.91 -14.22
CA PRO A 162 7.81 0.05 -14.56
C PRO A 162 8.44 0.25 -15.95
N GLY A 163 7.79 1.02 -16.83
CA GLY A 163 8.28 1.27 -18.18
C GLY A 163 7.79 0.20 -19.15
N THR A 164 8.12 0.36 -20.44
CA THR A 164 7.72 -0.58 -21.50
C THR A 164 8.58 -1.82 -21.51
N ASN A 165 9.87 -1.66 -21.21
CA ASN A 165 10.88 -2.72 -21.27
C ASN A 165 10.75 -3.86 -20.22
N LEU A 166 9.82 -3.81 -19.25
CA LEU A 166 9.66 -4.89 -18.26
C LEU A 166 8.31 -5.62 -18.44
N VAL A 167 8.35 -6.98 -18.51
CA VAL A 167 7.16 -7.83 -18.67
C VAL A 167 6.90 -8.52 -17.34
N PHE A 168 5.66 -8.40 -16.83
CA PHE A 168 5.23 -9.03 -15.58
C PHE A 168 4.38 -10.24 -15.97
N GLU A 169 4.94 -11.44 -15.80
CA GLU A 169 4.30 -12.69 -16.18
C GLU A 169 3.42 -13.18 -15.04
N ASP A 170 2.56 -14.18 -15.33
CA ASP A 170 1.73 -14.83 -14.31
C ASP A 170 2.73 -15.40 -13.32
N GLU A 171 2.48 -15.17 -12.04
CA GLU A 171 3.38 -15.59 -10.99
C GLU A 171 3.48 -17.09 -10.95
N ILE A 172 2.33 -17.80 -11.04
CA ILE A 172 2.38 -19.27 -10.93
C ILE A 172 3.18 -19.88 -12.07
N THR A 173 2.98 -19.40 -13.29
CA THR A 173 3.72 -19.84 -14.47
C THR A 173 5.22 -19.56 -14.34
N ALA A 174 5.60 -18.40 -13.78
CA ALA A 174 7.01 -18.04 -13.64
C ALA A 174 7.69 -18.74 -12.45
N LEU A 175 6.95 -18.98 -11.37
CA LEU A 175 7.50 -19.60 -10.17
C LEU A 175 7.83 -21.11 -10.33
N GLN A 176 6.92 -21.89 -10.93
CA GLN A 176 7.10 -23.35 -11.03
C GLN A 176 8.46 -23.76 -11.63
N PRO A 177 8.91 -23.25 -12.80
CA PRO A 177 10.23 -23.66 -13.30
C PRO A 177 11.40 -23.26 -12.37
N GLU A 178 11.28 -22.15 -11.59
CA GLU A 178 12.34 -21.76 -10.63
C GLU A 178 12.36 -22.70 -9.42
N VAL A 179 11.18 -23.03 -8.89
CA VAL A 179 11.06 -23.96 -7.77
C VAL A 179 11.53 -25.35 -8.22
N ASP A 180 11.23 -25.75 -9.46
CA ASP A 180 11.69 -27.03 -10.02
C ASP A 180 13.25 -27.04 -10.14
N LYS A 181 13.85 -25.91 -10.54
CA LYS A 181 15.30 -25.78 -10.63
C LYS A 181 15.90 -25.98 -9.23
N LEU A 182 15.38 -25.27 -8.21
CA LEU A 182 15.85 -25.41 -6.83
C LEU A 182 15.77 -26.88 -6.33
N LYS A 183 14.71 -27.61 -6.70
CA LYS A 183 14.53 -29.03 -6.31
C LYS A 183 15.58 -29.91 -7.00
N THR A 184 15.98 -29.60 -8.25
CA THR A 184 17.02 -30.37 -8.97
C THR A 184 18.39 -30.09 -8.31
N LEU A 185 18.58 -28.89 -7.70
CA LEU A 185 19.80 -28.54 -6.98
C LEU A 185 19.74 -29.06 -5.52
N ASN A 186 18.73 -29.87 -5.22
CA ASN A 186 18.48 -30.49 -3.95
C ASN A 186 18.21 -29.49 -2.82
N VAL A 187 17.57 -28.36 -3.14
CA VAL A 187 17.18 -27.41 -2.12
C VAL A 187 15.77 -27.90 -1.73
N ASN A 188 15.63 -28.52 -0.53
CA ASN A 188 14.37 -29.09 -0.09
C ASN A 188 13.51 -28.14 0.78
N LYS A 189 14.02 -26.96 1.21
CA LYS A 189 13.23 -26.00 1.99
C LYS A 189 13.10 -24.73 1.16
N ILE A 190 11.87 -24.46 0.64
CA ILE A 190 11.61 -23.35 -0.27
C ILE A 190 10.56 -22.35 0.26
N ILE A 191 10.94 -21.05 0.31
CA ILE A 191 10.06 -19.97 0.73
C ILE A 191 9.69 -19.17 -0.52
N ALA A 192 8.39 -18.92 -0.76
CA ALA A 192 7.96 -18.06 -1.86
C ALA A 192 7.76 -16.72 -1.16
N LEU A 193 8.52 -15.68 -1.54
CA LEU A 193 8.46 -14.37 -0.92
C LEU A 193 8.01 -13.43 -1.99
N GLY A 194 6.86 -12.79 -1.86
CA GLY A 194 6.45 -11.88 -2.91
C GLY A 194 5.35 -10.93 -2.59
N HIS A 195 5.01 -10.11 -3.59
CA HIS A 195 4.12 -9.00 -3.46
C HIS A 195 2.97 -9.02 -4.47
N SER A 196 1.97 -9.88 -4.24
CA SER A 196 0.80 -9.96 -5.10
C SER A 196 -0.56 -9.96 -4.39
N GLY A 197 -0.58 -9.96 -3.07
CA GLY A 197 -1.82 -9.98 -2.33
C GLY A 197 -2.09 -11.37 -1.81
N PHE A 198 -2.86 -11.43 -0.73
CA PHE A 198 -3.23 -12.64 -0.02
C PHE A 198 -3.93 -13.67 -0.88
N GLU A 199 -4.87 -13.26 -1.74
CA GLU A 199 -5.56 -14.20 -2.61
C GLU A 199 -4.57 -14.92 -3.55
N MET A 200 -3.65 -14.17 -4.18
CA MET A 200 -2.63 -14.78 -5.03
C MET A 200 -1.64 -15.62 -4.18
N ASP A 201 -1.30 -15.16 -2.97
CA ASP A 201 -0.39 -15.89 -2.08
C ASP A 201 -0.97 -17.28 -1.81
N LYS A 202 -2.29 -17.34 -1.53
CA LYS A 202 -3.05 -18.58 -1.31
C LYS A 202 -3.05 -19.50 -2.56
N LEU A 203 -3.16 -18.92 -3.76
CA LEU A 203 -3.14 -19.67 -5.02
C LEU A 203 -1.75 -20.31 -5.27
N ILE A 204 -0.66 -19.53 -5.02
CA ILE A 204 0.74 -19.99 -5.14
C ILE A 204 0.95 -21.17 -4.16
N ALA A 205 0.50 -21.02 -2.91
CA ALA A 205 0.59 -22.08 -1.90
C ALA A 205 -0.08 -23.37 -2.40
N GLN A 206 -1.22 -23.24 -3.08
CA GLN A 206 -1.96 -24.38 -3.61
C GLN A 206 -1.39 -25.01 -4.87
N LYS A 207 -1.07 -24.17 -5.87
CA LYS A 207 -0.67 -24.59 -7.21
C LYS A 207 0.83 -24.79 -7.45
N VAL A 208 1.75 -24.05 -6.77
CA VAL A 208 3.20 -24.19 -7.09
C VAL A 208 3.81 -25.35 -6.27
N ARG A 209 3.95 -26.54 -6.90
CA ARG A 209 4.50 -27.71 -6.22
C ARG A 209 5.90 -27.40 -5.65
N GLY A 210 6.17 -27.85 -4.43
CA GLY A 210 7.46 -27.67 -3.76
C GLY A 210 7.61 -26.44 -2.88
N VAL A 211 6.69 -25.46 -2.94
CA VAL A 211 6.79 -24.30 -2.05
C VAL A 211 6.40 -24.77 -0.62
N ASP A 212 7.26 -24.53 0.38
CA ASP A 212 6.92 -24.89 1.76
C ASP A 212 6.14 -23.81 2.52
N VAL A 213 6.45 -22.53 2.27
CA VAL A 213 5.88 -21.36 2.95
C VAL A 213 5.68 -20.29 1.94
N VAL A 214 4.63 -19.47 2.11
CA VAL A 214 4.40 -18.26 1.34
C VAL A 214 4.40 -17.11 2.35
N VAL A 215 5.19 -16.07 2.06
CA VAL A 215 5.30 -14.83 2.86
C VAL A 215 4.90 -13.73 1.89
N GLY A 216 3.76 -13.10 2.11
CA GLY A 216 3.24 -12.12 1.19
C GLY A 216 3.13 -10.71 1.70
N GLY A 217 2.56 -9.87 0.85
CA GLY A 217 2.28 -8.46 1.11
C GLY A 217 1.18 -7.97 0.19
N HIS A 218 1.15 -6.65 -0.05
CA HIS A 218 0.31 -5.93 -1.02
C HIS A 218 -1.12 -5.65 -0.53
N SER A 219 -1.82 -6.67 0.00
CA SER A 219 -3.19 -6.56 0.48
C SER A 219 -3.27 -6.08 1.95
N ASN A 220 -2.12 -5.82 2.61
CA ASN A 220 -2.06 -5.36 4.00
C ASN A 220 -2.83 -6.32 4.91
N THR A 221 -2.79 -7.62 4.61
CA THR A 221 -3.57 -8.61 5.35
C THR A 221 -3.08 -8.80 6.79
N PHE A 222 -4.02 -8.72 7.75
CA PHE A 222 -3.68 -8.95 9.15
C PHE A 222 -4.20 -10.33 9.50
N LEU A 223 -3.31 -11.21 9.94
CA LEU A 223 -3.64 -12.58 10.36
C LEU A 223 -3.23 -12.73 11.83
N TYR A 224 -4.05 -13.42 12.62
CA TYR A 224 -3.74 -13.61 14.03
C TYR A 224 -4.36 -14.87 14.59
N THR A 225 -3.70 -15.48 15.59
CA THR A 225 -4.22 -16.63 16.32
C THR A 225 -4.42 -16.19 17.77
N GLY A 226 -5.68 -16.10 18.19
CA GLY A 226 -6.03 -15.71 19.55
C GLY A 226 -6.61 -14.32 19.60
N ASN A 227 -6.39 -13.60 20.72
CA ASN A 227 -6.91 -12.25 20.90
C ASN A 227 -5.92 -11.24 20.34
N PRO A 228 -6.31 -10.47 19.28
CA PRO A 228 -5.35 -9.52 18.68
C PRO A 228 -4.94 -8.36 19.60
N PRO A 229 -3.70 -7.85 19.48
CA PRO A 229 -3.24 -6.81 20.40
C PRO A 229 -3.64 -5.35 20.12
N SER A 230 -4.17 -5.00 18.93
CA SER A 230 -4.52 -3.62 18.59
C SER A 230 -5.87 -3.54 17.80
N LYS A 231 -6.11 -2.45 17.05
CA LYS A 231 -7.36 -2.23 16.29
C LYS A 231 -7.53 -3.08 15.03
N GLU A 232 -6.45 -3.69 14.48
CA GLU A 232 -6.61 -4.45 13.24
C GLU A 232 -7.33 -5.74 13.51
N VAL A 233 -8.41 -5.97 12.76
CA VAL A 233 -9.23 -7.14 12.90
C VAL A 233 -8.62 -8.24 12.02
N PRO A 234 -8.31 -9.42 12.60
CA PRO A 234 -7.72 -10.49 11.79
C PRO A 234 -8.66 -11.01 10.70
N ALA A 235 -8.08 -11.25 9.51
CA ALA A 235 -8.78 -11.79 8.35
C ALA A 235 -8.73 -13.32 8.35
N GLY A 236 -7.97 -13.88 9.29
CA GLY A 236 -7.84 -15.33 9.43
C GLY A 236 -6.83 -15.65 10.50
N LYS A 237 -6.59 -16.95 10.71
CA LYS A 237 -5.61 -17.42 11.71
C LYS A 237 -4.18 -17.18 11.20
N TYR A 238 -3.19 -17.12 12.11
CA TYR A 238 -1.78 -16.96 11.72
C TYR A 238 -1.05 -18.24 12.14
N PRO A 239 -0.40 -18.97 11.22
CA PRO A 239 -0.36 -18.79 9.78
C PRO A 239 -1.69 -19.18 9.14
N PHE A 240 -1.92 -18.79 7.89
CA PHE A 240 -3.14 -19.23 7.22
C PHE A 240 -2.78 -20.49 6.51
N ILE A 241 -3.45 -21.61 6.82
CA ILE A 241 -3.13 -22.89 6.19
C ILE A 241 -3.88 -23.13 4.88
N VAL A 242 -3.13 -23.37 3.79
CA VAL A 242 -3.66 -23.77 2.48
C VAL A 242 -3.24 -25.23 2.28
N THR A 243 -4.14 -26.11 1.82
CA THR A 243 -3.77 -27.49 1.47
C THR A 243 -3.50 -27.47 -0.02
N SER A 244 -2.26 -27.78 -0.41
CA SER A 244 -1.87 -27.76 -1.81
C SER A 244 -2.56 -28.86 -2.61
N ASP A 245 -2.45 -28.76 -3.95
CA ASP A 245 -3.01 -29.76 -4.86
C ASP A 245 -2.35 -31.13 -4.68
N ASP A 246 -1.06 -31.15 -4.26
CA ASP A 246 -0.33 -32.39 -3.99
C ASP A 246 -0.47 -32.83 -2.49
N GLY A 247 -1.39 -32.21 -1.75
CA GLY A 247 -1.75 -32.60 -0.38
C GLY A 247 -0.94 -32.10 0.80
N ARG A 248 -0.03 -31.15 0.59
CA ARG A 248 0.77 -30.60 1.69
C ARG A 248 0.07 -29.41 2.30
N LYS A 249 0.20 -29.25 3.63
CA LYS A 249 -0.36 -28.13 4.37
C LYS A 249 0.68 -27.01 4.25
N VAL A 250 0.32 -25.91 3.57
CA VAL A 250 1.22 -24.81 3.32
C VAL A 250 0.82 -23.54 4.11
N PRO A 251 1.66 -23.12 5.10
CA PRO A 251 1.39 -21.86 5.81
C PRO A 251 1.66 -20.62 4.95
N VAL A 252 0.70 -19.69 4.99
CA VAL A 252 0.72 -18.41 4.27
C VAL A 252 0.69 -17.29 5.33
N VAL A 253 1.64 -16.33 5.24
CA VAL A 253 1.74 -15.25 6.23
C VAL A 253 1.84 -13.90 5.55
N GLN A 254 1.42 -12.89 6.29
CA GLN A 254 1.44 -11.49 5.92
C GLN A 254 1.41 -10.77 7.27
N ALA A 255 1.94 -9.53 7.35
CA ALA A 255 2.06 -8.84 8.66
C ALA A 255 1.51 -7.43 8.57
N TYR A 256 0.25 -7.27 8.10
CA TYR A 256 -0.43 -5.98 7.97
C TYR A 256 0.40 -5.02 7.08
N ALA A 257 0.87 -3.88 7.61
CA ALA A 257 1.57 -2.83 6.87
C ALA A 257 2.23 -1.82 7.83
N PHE A 258 3.02 -0.90 7.28
CA PHE A 258 3.62 0.26 7.91
C PHE A 258 4.61 0.01 9.05
N GLY A 259 5.17 -1.21 9.15
CA GLY A 259 6.11 -1.56 10.21
C GLY A 259 5.51 -1.57 11.62
N LYS A 260 4.16 -1.65 11.73
CA LYS A 260 3.48 -1.68 13.03
C LYS A 260 3.71 -3.03 13.69
N TYR A 261 3.83 -4.11 12.88
CA TYR A 261 4.07 -5.47 13.39
C TYR A 261 5.25 -6.09 12.71
N LEU A 262 5.87 -7.03 13.42
CA LEU A 262 6.92 -7.88 12.89
C LEU A 262 6.29 -9.26 12.81
N GLY A 263 6.22 -9.83 11.62
CA GLY A 263 5.72 -11.18 11.43
C GLY A 263 6.71 -12.17 12.04
N TYR A 264 6.21 -13.20 12.71
CA TYR A 264 7.07 -14.18 13.38
C TYR A 264 6.48 -15.56 13.16
N LEU A 265 7.14 -16.38 12.34
CA LEU A 265 6.68 -17.75 12.10
C LEU A 265 7.82 -18.70 12.33
N LYS A 266 7.61 -19.66 13.27
CA LYS A 266 8.57 -20.71 13.61
C LYS A 266 8.12 -21.95 12.80
N ILE A 267 9.01 -22.55 11.98
CA ILE A 267 8.68 -23.71 11.13
C ILE A 267 9.55 -24.88 11.55
N GLU A 268 8.92 -26.04 11.81
CA GLU A 268 9.62 -27.29 12.19
C GLU A 268 9.74 -28.17 10.94
N PHE A 269 10.98 -28.37 10.42
CA PHE A 269 11.21 -29.19 9.24
C PHE A 269 11.80 -30.53 9.61
N ASP A 270 11.50 -31.57 8.80
CA ASP A 270 12.20 -32.85 8.96
C ASP A 270 13.48 -32.80 8.05
N GLU A 271 14.24 -33.89 7.96
CA GLU A 271 15.50 -33.97 7.22
C GLU A 271 15.31 -33.87 5.69
N ARG A 272 14.12 -34.21 5.20
CA ARG A 272 13.82 -34.14 3.78
C ARG A 272 13.13 -32.80 3.42
N GLY A 273 13.13 -31.82 4.34
CA GLY A 273 12.58 -30.50 4.08
C GLY A 273 11.07 -30.44 4.13
N ASN A 274 10.42 -31.46 4.75
CA ASN A 274 8.96 -31.44 4.89
C ASN A 274 8.62 -30.62 6.12
N VAL A 275 7.57 -29.80 6.03
CA VAL A 275 7.07 -28.99 7.14
C VAL A 275 6.28 -29.92 8.06
N ILE A 276 6.80 -30.17 9.26
CA ILE A 276 6.10 -31.01 10.24
C ILE A 276 5.03 -30.19 10.92
N SER A 277 5.36 -28.95 11.26
CA SER A 277 4.43 -28.02 11.89
C SER A 277 5.01 -26.64 11.80
N SER A 278 4.22 -25.67 12.20
CA SER A 278 4.62 -24.28 12.25
C SER A 278 3.66 -23.53 13.18
N HIS A 279 4.14 -22.42 13.74
CA HIS A 279 3.33 -21.60 14.64
C HIS A 279 3.97 -20.23 14.78
N GLY A 280 3.20 -19.28 15.28
CA GLY A 280 3.69 -17.93 15.52
C GLY A 280 2.58 -16.92 15.53
N ASN A 281 2.94 -15.66 15.30
CA ASN A 281 1.98 -14.53 15.28
C ASN A 281 2.71 -13.23 14.99
N PRO A 282 2.04 -12.23 14.44
CA PRO A 282 2.71 -10.94 14.27
C PRO A 282 2.92 -10.31 15.65
N ILE A 283 4.10 -9.76 15.89
CA ILE A 283 4.47 -9.13 17.14
C ILE A 283 4.17 -7.66 16.97
N LEU A 284 3.32 -7.07 17.85
CA LEU A 284 3.01 -5.64 17.78
C LEU A 284 4.26 -4.91 18.25
N LEU A 285 4.79 -3.99 17.43
CA LEU A 285 5.98 -3.22 17.81
C LEU A 285 5.48 -1.98 18.58
N ASP A 286 5.07 -2.17 19.85
CA ASP A 286 4.60 -1.09 20.73
C ASP A 286 5.69 -0.53 21.63
N SER A 287 5.39 0.61 22.28
CA SER A 287 6.27 1.36 23.19
C SER A 287 7.11 0.51 24.19
N SER A 288 6.58 -0.67 24.63
CA SER A 288 7.27 -1.58 25.55
C SER A 288 8.63 -2.09 25.00
N ILE A 289 8.79 -2.18 23.67
CA ILE A 289 10.06 -2.55 23.05
C ILE A 289 10.86 -1.24 22.90
N PRO A 290 12.06 -1.10 23.47
CA PRO A 290 12.81 0.16 23.30
C PRO A 290 13.37 0.32 21.88
N GLU A 291 13.45 1.57 21.40
CA GLU A 291 14.08 1.86 20.12
C GLU A 291 15.58 1.68 20.32
N ASP A 292 16.27 1.01 19.40
CA ASP A 292 17.71 0.80 19.55
C ASP A 292 18.38 2.18 19.45
N PRO A 293 19.23 2.59 20.42
CA PRO A 293 19.81 3.95 20.36
C PRO A 293 20.74 4.21 19.17
N SER A 294 21.45 3.18 18.67
CA SER A 294 22.36 3.36 17.54
C SER A 294 21.57 3.64 16.28
N ILE A 295 20.47 2.90 16.06
CA ILE A 295 19.62 3.12 14.90
C ILE A 295 18.87 4.46 15.08
N LYS A 296 18.35 4.75 16.30
CA LYS A 296 17.60 5.98 16.58
C LYS A 296 18.46 7.22 16.33
N ALA A 297 19.73 7.19 16.80
CA ALA A 297 20.71 8.25 16.59
C ALA A 297 20.97 8.46 15.11
N ASP A 298 21.16 7.37 14.35
CA ASP A 298 21.37 7.43 12.90
C ASP A 298 20.10 7.96 12.20
N ILE A 299 18.89 7.65 12.71
CA ILE A 299 17.64 8.18 12.16
C ILE A 299 17.55 9.67 12.43
N ASN A 300 17.95 10.11 13.64
CA ASN A 300 17.96 11.53 14.01
C ASN A 300 18.97 12.33 13.16
N LYS A 301 20.06 11.67 12.71
CA LYS A 301 21.08 12.27 11.84
C LYS A 301 20.44 12.49 10.46
N TRP A 302 19.76 11.46 9.93
CA TRP A 302 19.05 11.56 8.64
C TRP A 302 17.76 12.43 8.70
N ARG A 303 17.17 12.62 9.90
CA ARG A 303 15.95 13.43 10.06
C ARG A 303 16.20 14.94 9.90
N ILE A 304 17.45 15.42 10.11
CA ILE A 304 17.80 16.86 10.00
C ILE A 304 17.34 17.51 8.67
N LYS A 305 17.62 16.87 7.52
CA LYS A 305 17.25 17.36 6.18
C LYS A 305 15.73 17.42 5.98
N LEU A 306 14.99 16.49 6.60
CA LEU A 306 13.53 16.42 6.49
C LEU A 306 12.79 17.47 7.36
N ASP A 307 13.48 18.10 8.35
CA ASP A 307 12.83 19.10 9.20
C ASP A 307 12.48 20.41 8.49
N ASP A 308 12.92 20.62 7.22
CA ASP A 308 12.53 21.80 6.45
C ASP A 308 11.06 21.69 5.98
N TYR A 309 10.49 20.45 5.94
CA TYR A 309 9.11 20.18 5.54
C TYR A 309 8.11 20.21 6.72
N SER A 310 8.59 20.40 7.98
CA SER A 310 7.72 20.49 9.17
C SER A 310 7.73 21.89 9.85
N THR A 311 8.74 22.76 9.56
CA THR A 311 8.82 24.09 10.17
C THR A 311 7.70 25.02 9.70
N GLN A 312 7.28 24.91 8.43
CA GLN A 312 6.20 25.75 7.91
C GLN A 312 4.83 25.07 8.13
N GLU A 313 4.01 25.70 8.99
CA GLU A 313 2.64 25.28 9.29
C GLU A 313 1.79 25.78 8.13
N LEU A 314 1.02 24.89 7.49
CA LEU A 314 0.17 25.25 6.37
C LEU A 314 -1.15 25.83 6.89
N GLY A 315 -1.75 25.11 7.83
CA GLY A 315 -2.98 25.53 8.49
C GLY A 315 -3.15 24.84 9.81
N LYS A 316 -4.40 24.63 10.22
CA LYS A 316 -4.73 24.01 11.50
C LYS A 316 -6.04 23.24 11.36
N THR A 317 -6.12 22.01 11.91
CA THR A 317 -7.36 21.24 11.90
C THR A 317 -7.88 21.10 13.33
N ILE A 318 -9.19 21.19 13.50
CA ILE A 318 -9.82 21.01 14.81
C ILE A 318 -10.57 19.67 14.84
N VAL A 319 -10.39 18.81 13.79
CA VAL A 319 -11.01 17.49 13.69
C VAL A 319 -9.97 16.48 13.27
N TYR A 320 -10.19 15.20 13.62
CA TYR A 320 -9.32 14.10 13.16
C TYR A 320 -9.62 13.98 11.67
N LEU A 321 -8.58 13.96 10.83
CA LEU A 321 -8.74 13.88 9.37
C LEU A 321 -8.57 12.42 9.00
N ASP A 322 -9.69 11.74 8.95
CA ASP A 322 -9.72 10.30 8.74
C ASP A 322 -9.37 9.90 7.31
N GLY A 323 -8.10 9.60 7.11
CA GLY A 323 -7.50 9.12 5.88
C GLY A 323 -7.12 7.66 6.01
N SER A 324 -7.77 6.90 6.94
CA SER A 324 -7.49 5.48 7.11
C SER A 324 -8.17 4.71 5.97
N SER A 325 -7.64 3.54 5.61
CA SER A 325 -8.26 2.73 4.55
C SER A 325 -9.55 2.07 5.02
N GLN A 326 -9.67 1.81 6.32
CA GLN A 326 -10.85 1.19 6.94
C GLN A 326 -12.07 2.10 6.80
N SER A 327 -11.85 3.41 6.70
CA SER A 327 -12.93 4.36 6.46
C SER A 327 -13.02 4.69 4.99
N CYS A 328 -11.90 5.15 4.41
CA CYS A 328 -11.88 5.70 3.06
C CYS A 328 -12.15 4.69 1.95
N ARG A 329 -12.05 3.38 2.22
CA ARG A 329 -12.36 2.37 1.20
C ARG A 329 -13.71 1.75 1.43
N PHE A 330 -14.39 2.13 2.52
CA PHE A 330 -15.70 1.58 2.89
C PHE A 330 -16.85 2.56 2.99
N ARG A 331 -16.58 3.84 3.23
CA ARG A 331 -17.66 4.80 3.40
CA ARG A 331 -17.65 4.81 3.43
C ARG A 331 -17.11 6.23 3.27
N GLU A 332 -17.98 7.22 3.39
CA GLU A 332 -17.59 8.62 3.30
C GLU A 332 -16.58 8.87 4.42
N CYS A 333 -15.42 9.44 4.09
CA CYS A 333 -14.41 9.76 5.11
C CYS A 333 -14.14 11.23 4.94
N ASN A 334 -13.95 11.96 6.04
CA ASN A 334 -13.83 13.44 5.94
C ASN A 334 -12.52 13.87 5.25
N MET A 335 -11.48 13.00 5.21
CA MET A 335 -10.26 13.31 4.48
C MET A 335 -10.61 13.37 3.00
N GLY A 336 -11.48 12.48 2.54
CA GLY A 336 -11.99 12.48 1.18
C GLY A 336 -12.75 13.75 0.84
N ASN A 337 -13.66 14.18 1.73
CA ASN A 337 -14.46 15.38 1.53
C ASN A 337 -13.58 16.60 1.51
N LEU A 338 -12.57 16.67 2.41
CA LEU A 338 -11.62 17.78 2.44
C LEU A 338 -10.88 17.87 1.10
N ILE A 339 -10.29 16.76 0.65
CA ILE A 339 -9.52 16.77 -0.60
C ILE A 339 -10.43 17.13 -1.77
N CYS A 340 -11.66 16.57 -1.81
CA CYS A 340 -12.58 16.93 -2.90
C CYS A 340 -13.03 18.41 -2.82
N ASP A 341 -13.13 18.99 -1.62
CA ASP A 341 -13.48 20.41 -1.48
C ASP A 341 -12.33 21.34 -1.85
N ALA A 342 -11.09 20.89 -1.65
CA ALA A 342 -9.91 21.65 -2.08
C ALA A 342 -9.84 21.60 -3.61
N MET A 343 -10.11 20.41 -4.19
CA MET A 343 -10.12 20.20 -5.63
C MET A 343 -11.10 21.16 -6.32
N ILE A 344 -12.34 21.25 -5.82
CA ILE A 344 -13.34 22.15 -6.39
C ILE A 344 -12.97 23.62 -6.11
N ASN A 345 -12.56 23.93 -4.86
CA ASN A 345 -12.21 25.32 -4.51
C ASN A 345 -11.02 25.85 -5.32
N ASN A 346 -9.95 25.05 -5.53
CA ASN A 346 -8.80 25.52 -6.32
C ASN A 346 -9.22 25.83 -7.75
N ASN A 347 -10.00 24.93 -8.37
CA ASN A 347 -10.49 25.15 -9.74
C ASN A 347 -11.49 26.37 -9.84
N LEU A 348 -12.47 26.50 -8.90
CA LEU A 348 -13.42 27.62 -8.95
C LEU A 348 -12.74 28.94 -8.50
N ARG A 349 -11.89 29.51 -9.38
CA ARG A 349 -11.19 30.79 -9.13
C ARG A 349 -11.11 31.60 -10.43
N TRP A 356 -14.39 32.41 -13.76
CA TRP A 356 -15.81 32.07 -13.89
C TRP A 356 -16.01 30.64 -14.42
N ASN A 357 -15.19 29.67 -13.95
CA ASN A 357 -15.31 28.26 -14.34
C ASN A 357 -16.45 27.63 -13.50
N HIS A 358 -17.14 26.59 -14.03
CA HIS A 358 -18.26 25.95 -13.32
C HIS A 358 -18.12 24.42 -13.26
N VAL A 359 -17.15 23.93 -12.45
CA VAL A 359 -16.98 22.49 -12.18
C VAL A 359 -17.54 22.32 -10.80
N SER A 360 -18.67 21.65 -10.70
CA SER A 360 -19.33 21.44 -9.40
C SER A 360 -19.00 20.09 -8.79
N MET A 361 -18.57 19.10 -9.59
CA MET A 361 -18.40 17.73 -9.15
C MET A 361 -16.94 17.23 -9.01
N CYS A 362 -16.72 16.33 -8.03
CA CYS A 362 -15.41 15.71 -7.74
C CYS A 362 -15.57 14.23 -7.45
N ILE A 363 -14.66 13.37 -7.98
CA ILE A 363 -14.55 11.94 -7.64
C ILE A 363 -13.06 11.66 -7.34
N LEU A 364 -12.80 10.93 -6.26
CA LEU A 364 -11.45 10.65 -5.77
C LEU A 364 -11.41 9.20 -5.29
N ASN A 365 -10.49 8.38 -5.84
CA ASN A 365 -10.33 6.98 -5.39
C ASN A 365 -9.85 6.94 -3.90
N GLY A 366 -10.53 6.16 -3.07
CA GLY A 366 -10.16 6.00 -1.66
C GLY A 366 -8.74 5.47 -1.43
N GLY A 367 -8.23 4.66 -2.37
CA GLY A 367 -6.87 4.12 -2.27
C GLY A 367 -5.78 5.17 -2.50
N GLY A 368 -6.14 6.34 -3.06
CA GLY A 368 -5.25 7.46 -3.23
C GLY A 368 -4.98 8.25 -1.95
N ILE A 369 -5.78 8.04 -0.88
CA ILE A 369 -5.63 8.71 0.42
C ILE A 369 -4.74 7.76 1.18
N ARG A 370 -3.47 8.09 1.35
CA ARG A 370 -2.50 7.13 1.88
C ARG A 370 -2.26 7.22 3.38
N SER A 371 -2.90 8.20 4.07
CA SER A 371 -2.74 8.32 5.50
C SER A 371 -3.71 9.30 6.14
N PRO A 372 -4.08 9.09 7.42
CA PRO A 372 -4.80 10.12 8.16
C PRO A 372 -3.83 11.21 8.63
N ILE A 373 -4.37 12.27 9.21
CA ILE A 373 -3.65 13.35 9.88
C ILE A 373 -4.33 13.48 11.24
N ASP A 374 -3.52 13.60 12.30
CA ASP A 374 -4.01 13.76 13.66
C ASP A 374 -4.11 15.25 13.99
N GLU A 375 -5.05 15.59 14.88
CA GLU A 375 -5.32 16.96 15.31
C GLU A 375 -4.81 17.27 16.73
N ARG A 376 -4.26 16.30 17.46
CA ARG A 376 -3.87 16.52 18.83
C ARG A 376 -2.51 17.24 19.02
N ASN A 377 -1.77 17.61 17.93
CA ASN A 377 -0.52 18.38 18.06
C ASN A 377 -0.88 19.89 17.94
N ASP A 378 -1.88 20.34 18.73
CA ASP A 378 -2.44 21.68 18.67
C ASP A 378 -3.10 21.92 17.29
N GLY A 379 -3.54 20.83 16.63
CA GLY A 379 -4.16 20.91 15.32
C GLY A 379 -3.26 21.16 14.12
N THR A 380 -1.97 21.49 14.33
CA THR A 380 -1.03 21.87 13.27
C THR A 380 -0.95 20.89 12.11
N ILE A 381 -1.05 21.42 10.87
CA ILE A 381 -0.87 20.62 9.64
C ILE A 381 0.37 21.16 8.94
N THR A 382 1.28 20.28 8.51
CA THR A 382 2.51 20.67 7.83
C THR A 382 2.57 19.97 6.48
N TRP A 383 3.55 20.37 5.66
CA TRP A 383 3.79 19.74 4.36
C TRP A 383 4.08 18.24 4.59
N GLU A 384 4.82 17.91 5.67
CA GLU A 384 5.16 16.54 6.06
C GLU A 384 3.88 15.69 6.23
N ASN A 385 2.89 16.21 6.98
CA ASN A 385 1.59 15.54 7.19
C ASN A 385 0.90 15.32 5.85
N LEU A 386 0.82 16.36 4.99
CA LEU A 386 0.17 16.23 3.68
C LEU A 386 0.90 15.24 2.74
N ALA A 387 2.24 15.25 2.76
CA ALA A 387 3.08 14.36 1.94
C ALA A 387 2.74 12.88 2.14
N ALA A 388 2.28 12.47 3.34
CA ALA A 388 1.92 11.08 3.61
C ALA A 388 0.47 10.78 3.16
N VAL A 389 -0.37 11.78 3.00
CA VAL A 389 -1.75 11.61 2.54
C VAL A 389 -1.72 11.48 1.01
N LEU A 390 -0.91 12.34 0.33
CA LEU A 390 -0.83 12.45 -1.13
C LEU A 390 0.63 12.33 -1.57
N PRO A 391 1.20 11.12 -1.54
CA PRO A 391 2.62 10.96 -1.86
C PRO A 391 3.01 10.81 -3.33
N PHE A 392 2.06 10.69 -4.28
CA PHE A 392 2.37 10.34 -5.67
C PHE A 392 2.81 11.47 -6.59
N GLY A 393 2.55 12.72 -6.25
CA GLY A 393 2.94 13.82 -7.14
C GLY A 393 2.12 13.81 -8.42
N GLY A 394 0.84 13.48 -8.27
CA GLY A 394 -0.11 13.45 -9.37
C GLY A 394 -0.80 14.79 -9.51
N THR A 395 -1.75 14.86 -10.41
CA THR A 395 -2.45 16.12 -10.67
C THR A 395 -3.94 15.89 -10.60
N PHE A 396 -4.69 16.94 -10.29
CA PHE A 396 -6.15 16.90 -10.24
C PHE A 396 -6.62 17.54 -11.55
N ASP A 397 -7.05 16.69 -12.47
CA ASP A 397 -7.45 17.04 -13.83
C ASP A 397 -8.95 17.32 -13.99
N LEU A 398 -9.31 18.23 -14.94
CA LEU A 398 -10.69 18.53 -15.31
C LEU A 398 -11.03 17.49 -16.38
N VAL A 399 -12.26 16.98 -16.40
CA VAL A 399 -12.69 15.95 -17.35
C VAL A 399 -14.19 16.15 -17.68
N GLN A 400 -14.62 15.82 -18.91
CA GLN A 400 -16.02 15.95 -19.33
C GLN A 400 -16.56 14.55 -19.60
N LEU A 401 -17.65 14.15 -18.92
CA LEU A 401 -18.22 12.80 -18.99
C LEU A 401 -19.72 12.81 -19.18
N LYS A 402 -20.22 11.77 -19.87
CA LYS A 402 -21.65 11.53 -20.05
C LYS A 402 -22.14 11.01 -18.70
N GLY A 403 -23.40 11.26 -18.35
CA GLY A 403 -23.97 10.76 -17.10
C GLY A 403 -23.89 9.24 -17.02
N SER A 404 -24.08 8.55 -18.17
CA SER A 404 -23.97 7.09 -18.28
C SER A 404 -22.59 6.62 -17.82
N THR A 405 -21.51 7.33 -18.24
CA THR A 405 -20.12 7.05 -17.89
C THR A 405 -19.96 7.20 -16.37
N LEU A 406 -20.44 8.32 -15.81
CA LEU A 406 -20.36 8.57 -14.36
CA LEU A 406 -20.33 8.57 -14.37
C LEU A 406 -21.11 7.50 -13.58
N LYS A 407 -22.30 7.12 -14.06
CA LYS A 407 -23.13 6.06 -13.44
C LYS A 407 -22.30 4.76 -13.43
N LYS A 408 -21.64 4.41 -14.54
CA LYS A 408 -20.80 3.19 -14.62
C LYS A 408 -19.61 3.26 -13.67
N ALA A 409 -18.99 4.45 -13.49
CA ALA A 409 -17.87 4.62 -12.56
C ALA A 409 -18.35 4.37 -11.14
N PHE A 410 -19.54 4.89 -10.77
CA PHE A 410 -20.09 4.66 -9.42
C PHE A 410 -20.47 3.18 -9.19
N GLU A 411 -20.84 2.45 -10.26
CA GLU A 411 -21.12 1.02 -10.16
C GLU A 411 -19.81 0.24 -9.93
N HIS A 412 -18.71 0.71 -10.54
CA HIS A 412 -17.37 0.13 -10.39
C HIS A 412 -16.84 0.42 -9.01
N SER A 413 -17.18 1.59 -8.44
CA SER A 413 -16.76 1.98 -7.08
C SER A 413 -17.09 0.92 -6.00
N VAL A 414 -18.24 0.24 -6.16
CA VAL A 414 -18.72 -0.78 -5.21
C VAL A 414 -18.97 -2.19 -5.85
N HIS A 415 -18.44 -2.45 -7.06
CA HIS A 415 -18.66 -3.73 -7.75
C HIS A 415 -18.20 -4.96 -6.96
N ARG A 416 -17.19 -4.82 -6.09
CA ARG A 416 -16.67 -5.93 -5.27
C ARG A 416 -16.41 -5.38 -3.89
N TYR A 417 -17.37 -4.58 -3.38
CA TYR A 417 -17.24 -3.93 -2.09
C TYR A 417 -16.96 -4.93 -0.96
N GLY A 418 -16.24 -4.50 0.08
CA GLY A 418 -15.93 -5.32 1.23
C GLY A 418 -14.53 -5.91 1.26
N GLN A 419 -13.77 -5.73 0.16
CA GLN A 419 -12.39 -6.27 0.09
C GLN A 419 -11.31 -5.21 0.34
N SER A 420 -11.67 -3.98 0.80
CA SER A 420 -10.70 -2.89 1.07
C SER A 420 -9.88 -2.54 -0.18
N THR A 421 -10.56 -2.46 -1.33
CA THR A 421 -9.94 -2.11 -2.60
C THR A 421 -10.01 -0.57 -2.78
N GLY A 422 -9.00 -0.02 -3.46
CA GLY A 422 -8.87 1.41 -3.59
C GLY A 422 -9.86 2.17 -4.45
N GLU A 423 -10.65 1.47 -5.30
CA GLU A 423 -11.63 2.11 -6.19
C GLU A 423 -12.87 2.69 -5.50
N PHE A 424 -13.09 2.49 -4.18
CA PHE A 424 -14.25 3.14 -3.55
C PHE A 424 -14.05 4.64 -3.71
N LEU A 425 -15.02 5.34 -4.29
CA LEU A 425 -14.89 6.77 -4.55
C LEU A 425 -15.34 7.71 -3.43
N GLN A 426 -14.50 8.69 -3.12
CA GLN A 426 -14.86 9.81 -2.24
C GLN A 426 -15.36 10.90 -3.20
N VAL A 427 -16.39 11.63 -2.81
CA VAL A 427 -17.04 12.59 -3.69
C VAL A 427 -17.16 14.03 -3.14
N GLY A 428 -17.49 14.91 -4.05
CA GLY A 428 -17.80 16.31 -3.81
C GLY A 428 -18.84 16.72 -4.82
N GLY A 429 -19.83 17.47 -4.39
CA GLY A 429 -20.89 17.91 -5.29
C GLY A 429 -21.72 16.77 -5.88
N ILE A 430 -21.76 15.64 -5.19
CA ILE A 430 -22.45 14.42 -5.61
C ILE A 430 -23.02 13.82 -4.32
N HIS A 431 -24.26 13.31 -4.40
CA HIS A 431 -24.94 12.60 -3.31
C HIS A 431 -25.30 11.26 -3.91
N VAL A 432 -24.57 10.21 -3.50
CA VAL A 432 -24.81 8.85 -3.99
C VAL A 432 -25.38 7.98 -2.86
N VAL A 433 -26.33 7.07 -3.21
CA VAL A 433 -26.88 6.07 -2.30
C VAL A 433 -26.65 4.67 -2.94
N TYR A 434 -26.07 3.72 -2.16
CA TYR A 434 -25.85 2.35 -2.60
C TYR A 434 -26.78 1.37 -1.90
N ASP A 435 -27.09 0.27 -2.57
CA ASP A 435 -27.83 -0.85 -1.98
C ASP A 435 -26.96 -2.06 -2.33
N LEU A 436 -26.14 -2.49 -1.36
CA LEU A 436 -25.21 -3.61 -1.57
C LEU A 436 -25.95 -4.96 -1.69
N SER A 437 -27.23 -5.02 -1.24
CA SER A 437 -28.10 -6.19 -1.37
C SER A 437 -28.33 -6.56 -2.86
N ARG A 438 -28.24 -5.55 -3.76
CA ARG A 438 -28.43 -5.73 -5.19
C ARG A 438 -27.19 -6.39 -5.85
N LYS A 439 -27.36 -6.85 -7.10
CA LYS A 439 -26.29 -7.52 -7.84
C LYS A 439 -25.19 -6.53 -8.21
N PRO A 440 -23.89 -6.96 -8.32
CA PRO A 440 -22.84 -6.02 -8.76
C PRO A 440 -23.18 -5.47 -10.15
N GLY A 441 -22.97 -4.18 -10.33
CA GLY A 441 -23.32 -3.50 -11.58
C GLY A 441 -24.68 -2.84 -11.49
N ASP A 442 -25.47 -3.12 -10.43
CA ASP A 442 -26.79 -2.53 -10.23
C ASP A 442 -26.98 -2.08 -8.76
N ARG A 443 -25.90 -1.67 -8.08
CA ARG A 443 -25.97 -1.28 -6.66
C ARG A 443 -26.28 0.21 -6.41
N VAL A 444 -26.08 1.12 -7.40
CA VAL A 444 -26.40 2.55 -7.21
C VAL A 444 -27.92 2.73 -7.24
N VAL A 445 -28.53 3.06 -6.11
CA VAL A 445 -30.00 3.26 -6.06
C VAL A 445 -30.37 4.75 -6.24
N LYS A 446 -29.48 5.68 -5.87
CA LYS A 446 -29.68 7.13 -6.06
C LYS A 446 -28.34 7.76 -6.43
N LEU A 447 -28.40 8.78 -7.29
CA LEU A 447 -27.24 9.53 -7.70
C LEU A 447 -27.69 10.93 -8.10
N ASP A 448 -27.47 11.89 -7.20
CA ASP A 448 -27.86 13.26 -7.47
C ASP A 448 -26.59 14.03 -7.66
N VAL A 449 -26.65 15.07 -8.48
CA VAL A 449 -25.48 15.89 -8.77
C VAL A 449 -25.87 17.33 -8.69
N LEU A 450 -24.87 18.16 -8.32
CA LEU A 450 -25.03 19.59 -8.16
C LEU A 450 -25.15 20.20 -9.56
N CYS A 451 -26.30 20.81 -9.90
CA CYS A 451 -26.48 21.39 -11.25
C CYS A 451 -25.49 22.55 -11.50
N THR A 452 -25.18 22.78 -12.77
CA THR A 452 -24.28 23.85 -13.22
C THR A 452 -25.05 24.83 -14.09
N LYS A 453 -25.87 24.35 -15.07
CA LYS A 453 -26.70 25.21 -15.91
C LYS A 453 -27.98 25.60 -15.14
N CYS A 454 -27.79 26.33 -14.03
CA CYS A 454 -28.82 26.81 -13.11
C CYS A 454 -28.17 27.96 -12.36
N ARG A 455 -28.95 28.97 -11.96
CA ARG A 455 -28.42 30.14 -11.25
C ARG A 455 -28.12 29.84 -9.81
N VAL A 456 -29.02 29.10 -9.15
CA VAL A 456 -28.79 28.65 -7.77
C VAL A 456 -28.50 27.16 -7.88
N PRO A 457 -27.27 26.75 -7.53
CA PRO A 457 -26.94 25.32 -7.59
C PRO A 457 -27.67 24.50 -6.53
N SER A 458 -28.22 23.37 -6.95
CA SER A 458 -28.91 22.43 -6.07
C SER A 458 -28.71 21.03 -6.63
N TYR A 459 -29.14 20.03 -5.86
CA TYR A 459 -29.00 18.63 -6.25
C TYR A 459 -30.19 18.11 -7.02
N ASP A 460 -29.91 17.38 -8.10
CA ASP A 460 -30.97 16.83 -8.94
C ASP A 460 -30.51 15.48 -9.47
N PRO A 461 -31.44 14.56 -9.79
CA PRO A 461 -31.03 13.27 -10.33
C PRO A 461 -30.11 13.37 -11.53
N LEU A 462 -29.06 12.52 -11.56
CA LEU A 462 -28.13 12.49 -12.69
C LEU A 462 -28.91 11.93 -13.90
N LYS A 463 -28.67 12.48 -15.09
CA LYS A 463 -29.34 12.00 -16.31
C LYS A 463 -28.28 11.35 -17.17
N MET A 464 -28.59 10.15 -17.72
CA MET A 464 -27.67 9.36 -18.55
C MET A 464 -27.19 10.13 -19.78
N ASP A 465 -28.13 10.77 -20.48
CA ASP A 465 -27.85 11.55 -21.70
C ASP A 465 -27.13 12.89 -21.45
N GLU A 466 -27.08 13.41 -20.21
CA GLU A 466 -26.45 14.71 -19.96
C GLU A 466 -24.93 14.59 -19.84
N VAL A 467 -24.22 15.71 -19.99
CA VAL A 467 -22.77 15.80 -19.85
C VAL A 467 -22.42 16.55 -18.58
N TYR A 468 -21.32 16.15 -17.92
CA TYR A 468 -20.87 16.77 -16.66
C TYR A 468 -19.36 16.97 -16.65
N LYS A 469 -18.90 18.07 -16.01
CA LYS A 469 -17.49 18.42 -15.82
C LYS A 469 -17.12 17.86 -14.45
N VAL A 470 -16.06 17.07 -14.37
CA VAL A 470 -15.65 16.42 -13.12
C VAL A 470 -14.16 16.64 -12.89
N ILE A 471 -13.78 17.06 -11.66
CA ILE A 471 -12.38 17.18 -11.27
C ILE A 471 -11.99 15.84 -10.57
N LEU A 472 -10.91 15.20 -11.03
CA LEU A 472 -10.48 13.90 -10.52
C LEU A 472 -8.96 13.69 -10.71
N PRO A 473 -8.32 12.76 -9.95
CA PRO A 473 -6.89 12.54 -10.16
C PRO A 473 -6.57 12.05 -11.58
N ASN A 474 -5.38 12.38 -12.10
CA ASN A 474 -4.95 11.89 -13.43
C ASN A 474 -4.99 10.34 -13.45
N PHE A 475 -4.65 9.68 -12.32
CA PHE A 475 -4.72 8.24 -12.15
C PHE A 475 -6.10 7.69 -12.60
N LEU A 476 -7.20 8.37 -12.21
CA LEU A 476 -8.55 7.96 -12.61
C LEU A 476 -8.82 8.34 -14.06
N ALA A 477 -8.48 9.60 -14.47
CA ALA A 477 -8.67 10.06 -15.86
C ALA A 477 -8.00 9.12 -16.86
N ASN A 478 -6.85 8.48 -16.47
CA ASN A 478 -6.12 7.51 -17.29
C ASN A 478 -6.56 6.02 -17.08
N GLY A 479 -7.73 5.78 -16.49
CA GLY A 479 -8.27 4.43 -16.33
C GLY A 479 -7.73 3.59 -15.19
N GLY A 480 -7.04 4.21 -14.24
CA GLY A 480 -6.50 3.50 -13.08
C GLY A 480 -7.59 2.92 -12.21
N ASP A 481 -7.26 1.89 -11.42
CA ASP A 481 -8.20 1.21 -10.54
C ASP A 481 -9.40 0.59 -11.25
N GLY A 482 -9.22 0.16 -12.50
CA GLY A 482 -10.28 -0.46 -13.30
C GLY A 482 -11.33 0.49 -13.86
N PHE A 483 -11.11 1.81 -13.74
CA PHE A 483 -12.05 2.81 -14.28
C PHE A 483 -11.77 3.04 -15.80
N GLN A 484 -11.74 1.94 -16.60
CA GLN A 484 -11.47 2.01 -18.04
C GLN A 484 -12.56 2.79 -18.75
N MET A 485 -13.81 2.78 -18.22
CA MET A 485 -14.92 3.54 -18.81
C MET A 485 -14.62 5.06 -18.80
N ILE A 486 -13.94 5.58 -17.75
CA ILE A 486 -13.58 7.02 -17.71
C ILE A 486 -12.63 7.30 -18.87
N LYS A 487 -11.55 6.52 -18.99
CA LYS A 487 -10.55 6.67 -20.08
C LYS A 487 -11.15 6.47 -21.51
N ASP A 488 -11.93 5.40 -21.71
CA ASP A 488 -12.52 5.08 -23.00
C ASP A 488 -13.61 6.06 -23.39
N GLU A 489 -14.58 6.29 -22.50
CA GLU A 489 -15.77 7.10 -22.81
C GLU A 489 -15.69 8.62 -22.52
N LEU A 490 -14.59 9.17 -21.97
CA LEU A 490 -14.57 10.63 -21.69
C LEU A 490 -14.60 11.48 -22.97
N LEU A 491 -15.23 12.67 -22.90
CA LEU A 491 -15.38 13.60 -24.03
C LEU A 491 -14.28 14.66 -24.10
N ARG A 492 -13.66 15.02 -22.99
CA ARG A 492 -12.56 15.98 -22.93
C ARG A 492 -11.76 15.68 -21.65
N HIS A 493 -10.41 15.82 -21.70
CA HIS A 493 -9.54 15.60 -20.54
C HIS A 493 -8.42 16.65 -20.52
N ASP A 494 -8.52 17.64 -19.61
CA ASP A 494 -7.48 18.66 -19.45
C ASP A 494 -6.64 18.32 -18.22
N SER A 495 -5.34 18.62 -18.25
CA SER A 495 -4.46 18.38 -17.11
C SER A 495 -4.60 19.55 -16.14
N GLY A 496 -4.59 19.27 -14.83
CA GLY A 496 -4.70 20.30 -13.80
C GLY A 496 -3.43 20.47 -12.98
N ASP A 497 -3.58 21.11 -11.80
CA ASP A 497 -2.46 21.42 -10.90
C ASP A 497 -2.03 20.19 -10.07
N GLN A 498 -0.90 20.29 -9.36
CA GLN A 498 -0.34 19.21 -8.54
C GLN A 498 -1.23 18.91 -7.33
N ASP A 499 -1.46 17.63 -7.03
CA ASP A 499 -2.38 17.25 -5.94
C ASP A 499 -2.06 17.87 -4.57
N ILE A 500 -0.82 17.72 -4.07
CA ILE A 500 -0.44 18.26 -2.77
C ILE A 500 -0.50 19.81 -2.73
N ASN A 501 -0.11 20.49 -3.82
CA ASN A 501 -0.15 21.96 -3.84
C ASN A 501 -1.60 22.47 -3.78
N VAL A 502 -2.55 21.75 -4.42
CA VAL A 502 -3.97 22.09 -4.40
C VAL A 502 -4.52 22.00 -2.96
N VAL A 503 -4.24 20.90 -2.23
CA VAL A 503 -4.74 20.73 -0.86
C VAL A 503 -4.05 21.71 0.11
N SER A 504 -2.77 21.97 -0.07
CA SER A 504 -2.00 22.88 0.76
C SER A 504 -2.53 24.33 0.62
N THR A 505 -2.60 24.84 -0.63
CA THR A 505 -3.12 26.18 -0.94
C THR A 505 -4.54 26.43 -0.35
N TYR A 506 -5.37 25.37 -0.30
CA TYR A 506 -6.72 25.36 0.26
C TYR A 506 -6.69 25.54 1.79
N ILE A 507 -5.88 24.72 2.47
CA ILE A 507 -5.71 24.73 3.93
C ILE A 507 -5.18 26.07 4.44
N SER A 508 -4.17 26.65 3.76
CA SER A 508 -3.60 27.95 4.17
C SER A 508 -4.62 29.08 4.03
N LYS A 509 -5.49 29.01 3.01
CA LYS A 509 -6.55 29.98 2.82
C LYS A 509 -7.63 29.79 3.89
N MET A 510 -8.02 28.52 4.17
CA MET A 510 -9.06 28.26 5.17
C MET A 510 -8.61 28.56 6.61
N LYS A 511 -7.29 28.38 6.92
CA LYS A 511 -6.66 28.61 8.23
C LYS A 511 -7.06 27.53 9.26
N VAL A 512 -8.37 27.35 9.51
CA VAL A 512 -8.87 26.30 10.39
C VAL A 512 -9.84 25.47 9.56
N ILE A 513 -9.61 24.15 9.50
CA ILE A 513 -10.46 23.24 8.73
C ILE A 513 -11.13 22.27 9.69
N TYR A 514 -12.33 21.85 9.34
CA TYR A 514 -13.14 20.96 10.18
C TYR A 514 -14.08 20.19 9.28
N PRO A 515 -13.53 19.46 8.28
CA PRO A 515 -14.40 18.71 7.36
C PRO A 515 -15.15 17.63 8.11
N ALA A 516 -16.45 17.50 7.82
CA ALA A 516 -17.28 16.51 8.49
C ALA A 516 -17.72 15.44 7.47
N VAL A 517 -18.24 14.31 7.99
CA VAL A 517 -18.91 13.27 7.21
C VAL A 517 -20.37 13.82 7.18
N GLU A 518 -20.94 14.04 5.99
CA GLU A 518 -22.24 14.71 5.93
C GLU A 518 -23.28 14.04 5.04
N GLY A 519 -23.17 12.75 4.79
CA GLY A 519 -24.17 12.06 3.97
C GLY A 519 -24.01 12.18 2.48
N ARG A 520 -22.80 12.55 2.00
CA ARG A 520 -22.48 12.58 0.57
C ARG A 520 -22.58 11.14 0.01
N ILE A 521 -22.21 10.13 0.84
CA ILE A 521 -22.29 8.71 0.51
C ILE A 521 -23.15 8.02 1.57
N LYS A 522 -24.14 7.26 1.13
CA LYS A 522 -25.07 6.53 1.99
C LYS A 522 -25.31 5.10 1.47
N PHE A 523 -25.74 4.24 2.38
CA PHE A 523 -26.07 2.84 2.12
C PHE A 523 -27.54 2.64 2.48
N SER A 524 -28.33 1.95 1.64
CA SER A 524 -29.76 1.73 1.90
C SER A 524 -29.99 0.32 2.43
N LEU A 525 -30.68 0.19 3.58
CA LEU A 525 -30.94 -1.12 4.20
C LEU A 525 -32.14 -1.80 3.55
ZN ZN B . 1.69 -1.36 -0.10
ZN ZN C . 1.71 -3.22 -3.36
PB O02 D . -0.32 -0.85 -2.56
O1B O02 D . 0.33 -0.74 -1.22
O2B O02 D . 0.54 -1.46 -3.69
O3B O02 D . -0.73 0.56 -3.02
PA O02 D . -3.04 -1.06 -1.38
O1A O02 D . -2.71 -0.64 0.04
O2A O02 D . -4.27 -2.04 -1.35
C3A O02 D . -1.80 -1.84 -2.41
O5' O02 D . -3.35 0.21 -2.27
C5' O02 D . -3.73 0.15 -3.67
C4' O02 D . -4.51 1.39 -4.07
O4' O02 D . -3.67 2.56 -4.09
C3' O02 D . -5.10 1.31 -5.47
O3' O02 D . -6.34 0.62 -5.43
C2' O02 D . -5.25 2.79 -5.85
O2' O02 D . -6.46 3.35 -5.37
C1' O02 D . -4.07 3.45 -5.12
N9 O02 D . -2.94 3.80 -5.96
C8 O02 D . -1.85 3.01 -6.25
N7 O02 D . -0.95 3.59 -7.00
C5 O02 D . -1.48 4.85 -7.24
C6 O02 D . -1.00 5.96 -7.95
N6 O02 D . 0.16 5.98 -8.62
N1 O02 D . -1.75 7.09 -7.98
C2 O02 D . -2.93 7.11 -7.32
N3 O02 D . -3.48 6.09 -6.61
C4 O02 D . -2.70 5.00 -6.60
N4 O02 D . -3.60 8.32 -7.39
N5 O02 D . -4.84 8.65 -6.81
H3A2 O02 D . -2.15 -2.04 -3.41
H3A1 O02 D . -1.59 -2.87 -2.08
H5'1 O02 D . -2.81 0.07 -4.23
H5'2 O02 D . -4.29 -0.75 -3.87
H4' O02 D . -5.29 1.61 -3.33
H3' O02 D . -4.44 0.78 -6.14
HO3' O02 D . -6.17 -0.34 -5.28
H2' O02 D . -5.19 2.90 -6.93
HO2' O02 D . -7.20 2.76 -5.66
H1' O02 D . -4.38 4.38 -4.66
H61 O02 D . 0.46 6.81 -9.13
H62 O02 D . 0.77 5.18 -8.63
H4 O02 D . -3.06 9.16 -7.58
H12 O02 D . -4.96 9.66 -6.70
H11 O02 D . -5.58 8.31 -7.42
CA CA E . 10.19 -28.85 1.36
#